data_4YT4
#
_entry.id   4YT4
#
_cell.length_a   59.810
_cell.length_b   59.810
_cell.length_c   183.430
_cell.angle_alpha   90.000
_cell.angle_beta   90.000
_cell.angle_gamma   90.000
#
_symmetry.space_group_name_H-M   'P 41 21 2'
#
loop_
_entity.id
_entity.type
_entity.pdbx_description
1 polymer 'H(2)-forming methylenetetrahydromethanopterin dehydrogenase-related protein MJ1338'
2 non-polymer 'iron-guanylyl pyridinol cofactor'
3 water water
#
_entity_poly.entity_id   1
_entity_poly.type   'polypeptide(L)'
_entity_poly.pdbx_seq_one_letter_code
;MRNIRKIKVDNMKVSVYGAGNQNLYINKLNLPEKFGGEPPYGGSRMAIEFAEAGHDVVLAEPNKNIMSDDLWKKVEDAGV
KVVSDDVEAAKHGEIHVLFTPFGKATFRIAKTIIEHVPENAVICNTCTVSPVVLYYSLEPILRTKRKDVGISSMHPAAVP
GTPQHGHYVIGGKTTDGKELATEEQIKKAVELAKSAGKEAYVVPADVSSVVADMGSLVTAVALSGVLDYYTVGRKIINAP
KKMIEQQVIMTLQTMASLVETSGIEGMVKALNPELLIRSASSMKLLDRQKDLDAALEILQNLDETLKAEVEKAEIKPTTL
VAAQSLVKEIKTLIGGAAAEGAIKRSARKLFEHADPNSSSVDKLAAALEHHHHHH
;
_entity_poly.pdbx_strand_id   A
#
# COMPACT_ATOMS: atom_id res chain seq x y z
N ASN A 11 -3.43 -26.90 -8.13
CA ASN A 11 -2.29 -26.32 -8.87
C ASN A 11 -2.71 -25.10 -9.72
N MET A 12 -1.86 -24.06 -9.79
CA MET A 12 -2.17 -22.87 -10.62
C MET A 12 -1.03 -22.42 -11.50
N LYS A 13 -1.32 -21.81 -12.64
CA LYS A 13 -0.27 -21.13 -13.39
C LYS A 13 -0.07 -19.69 -12.88
N VAL A 14 1.13 -19.39 -12.44
CA VAL A 14 1.43 -18.11 -11.79
C VAL A 14 2.58 -17.45 -12.53
N SER A 15 2.48 -16.15 -12.79
CA SER A 15 3.57 -15.38 -13.39
C SER A 15 3.96 -14.24 -12.49
N VAL A 16 5.25 -14.12 -12.17
CA VAL A 16 5.70 -13.07 -11.27
C VAL A 16 6.65 -12.27 -12.12
N TYR A 17 6.57 -10.95 -11.99
CA TYR A 17 7.35 -9.99 -12.78
C TYR A 17 8.26 -9.22 -11.85
N GLY A 18 9.56 -9.39 -12.03
CA GLY A 18 10.58 -8.67 -11.26
C GLY A 18 11.14 -9.58 -10.17
N ALA A 19 12.45 -9.78 -10.21
CA ALA A 19 13.18 -10.68 -9.31
C ALA A 19 13.43 -10.02 -7.94
N GLY A 20 13.65 -8.71 -7.96
CA GLY A 20 13.97 -7.90 -6.77
C GLY A 20 15.42 -7.46 -6.82
N ASN A 21 15.68 -6.19 -6.54
CA ASN A 21 17.04 -5.71 -6.48
C ASN A 21 17.75 -6.30 -5.23
N GLN A 22 18.57 -7.34 -5.44
CA GLN A 22 19.15 -8.08 -4.33
C GLN A 22 20.18 -7.26 -3.54
N ASN A 23 20.96 -6.42 -4.23
CA ASN A 23 21.90 -5.48 -3.62
C ASN A 23 21.24 -4.51 -2.65
N LEU A 24 19.98 -4.19 -2.94
CA LEU A 24 19.23 -3.32 -2.11
C LEU A 24 18.86 -4.03 -0.82
N TYR A 25 18.20 -5.18 -0.90
CA TYR A 25 17.87 -5.98 0.28
C TYR A 25 19.08 -6.36 1.14
N ILE A 26 20.18 -6.73 0.47
CA ILE A 26 21.35 -7.30 1.13
C ILE A 26 22.22 -6.24 1.75
N ASN A 27 22.75 -5.32 0.93
CA ASN A 27 23.66 -4.29 1.41
C ASN A 27 22.89 -3.11 2.01
N LYS A 28 22.17 -2.35 1.17
CA LYS A 28 21.53 -1.10 1.56
C LYS A 28 20.56 -1.19 2.72
N LEU A 29 19.75 -2.24 2.76
CA LEU A 29 18.80 -2.42 3.86
C LEU A 29 19.34 -3.41 4.89
N ASN A 30 20.41 -4.13 4.51
CA ASN A 30 21.10 -5.04 5.42
C ASN A 30 20.14 -6.04 6.08
N LEU A 31 19.24 -6.54 5.26
CA LEU A 31 18.11 -7.29 5.77
C LEU A 31 18.50 -8.60 6.40
N PRO A 32 19.39 -9.39 5.75
CA PRO A 32 19.74 -10.68 6.35
C PRO A 32 20.28 -10.51 7.77
N GLU A 33 20.97 -9.39 8.02
CA GLU A 33 21.41 -9.11 9.37
C GLU A 33 20.35 -8.51 10.31
N LYS A 34 19.52 -7.61 9.77
CA LYS A 34 18.54 -6.87 10.57
C LYS A 34 17.21 -7.59 10.84
N PHE A 35 16.79 -8.46 9.92
CA PHE A 35 15.48 -9.13 10.02
C PHE A 35 15.58 -10.64 10.07
N GLY A 36 16.45 -11.20 9.23
CA GLY A 36 16.60 -12.64 9.13
C GLY A 36 16.40 -13.13 7.72
N GLY A 37 16.06 -14.41 7.62
CA GLY A 37 15.97 -15.13 6.35
C GLY A 37 17.25 -15.16 5.52
N GLU A 38 17.17 -15.78 4.35
CA GLU A 38 18.28 -15.79 3.41
C GLU A 38 17.85 -15.27 2.05
N PRO A 39 18.79 -14.78 1.25
CA PRO A 39 18.42 -14.36 -0.09
C PRO A 39 18.11 -15.56 -0.99
N PRO A 40 17.40 -15.38 -2.13
CA PRO A 40 16.90 -14.06 -2.59
C PRO A 40 15.74 -13.54 -1.77
N TYR A 41 15.53 -12.24 -1.83
CA TYR A 41 14.35 -11.62 -1.22
C TYR A 41 13.49 -11.09 -2.35
N GLY A 42 12.23 -10.79 -2.05
CA GLY A 42 11.34 -10.09 -2.97
C GLY A 42 10.65 -11.02 -3.96
N GLY A 43 10.49 -10.51 -5.18
CA GLY A 43 9.80 -11.19 -6.29
C GLY A 43 10.26 -12.61 -6.53
N SER A 44 11.56 -12.81 -6.65
CA SER A 44 12.09 -14.15 -6.83
C SER A 44 11.77 -15.08 -5.67
N ARG A 45 11.76 -14.53 -4.46
CA ARG A 45 11.42 -15.28 -3.28
C ARG A 45 9.95 -15.70 -3.28
N MET A 46 9.07 -14.81 -3.73
CA MET A 46 7.67 -15.15 -3.88
C MET A 46 7.52 -16.25 -4.90
N ALA A 47 8.27 -16.16 -6.01
CA ALA A 47 8.26 -17.19 -7.05
C ALA A 47 8.69 -18.57 -6.50
N ILE A 48 9.83 -18.57 -5.79
CA ILE A 48 10.33 -19.75 -5.10
C ILE A 48 9.23 -20.37 -4.25
N GLU A 49 8.58 -19.53 -3.42
CA GLU A 49 7.57 -20.02 -2.49
C GLU A 49 6.34 -20.59 -3.21
N PHE A 50 5.92 -19.94 -4.28
CA PHE A 50 4.81 -20.43 -5.07
C PHE A 50 5.15 -21.75 -5.76
N ALA A 51 6.37 -21.86 -6.29
CA ALA A 51 6.86 -23.11 -6.89
C ALA A 51 6.88 -24.21 -5.85
N GLU A 52 7.43 -23.94 -4.67
CA GLU A 52 7.43 -24.92 -3.56
C GLU A 52 6.02 -25.31 -3.12
N ALA A 53 5.03 -24.44 -3.33
CA ALA A 53 3.63 -24.78 -3.01
C ALA A 53 3.03 -25.79 -4.01
N GLY A 54 3.79 -26.12 -5.05
CA GLY A 54 3.35 -27.04 -6.12
C GLY A 54 2.66 -26.38 -7.33
N HIS A 55 2.88 -25.06 -7.52
CA HIS A 55 2.30 -24.31 -8.65
C HIS A 55 3.26 -24.22 -9.80
N ASP A 56 2.69 -24.02 -10.98
CA ASP A 56 3.40 -23.84 -12.24
C ASP A 56 3.85 -22.36 -12.43
N VAL A 57 5.09 -22.04 -12.08
CA VAL A 57 5.51 -20.65 -11.86
C VAL A 57 6.50 -20.14 -12.88
N VAL A 58 6.15 -19.03 -13.55
CA VAL A 58 7.12 -18.32 -14.41
C VAL A 58 7.57 -16.95 -13.80
N LEU A 59 8.87 -16.66 -13.88
CA LEU A 59 9.41 -15.40 -13.38
C LEU A 59 10.04 -14.57 -14.52
N ALA A 60 9.51 -13.38 -14.78
CA ALA A 60 10.02 -12.49 -15.83
C ALA A 60 10.94 -11.41 -15.29
N GLU A 61 12.16 -11.38 -15.79
CA GLU A 61 13.16 -10.45 -15.30
C GLU A 61 14.04 -10.12 -16.50
N PRO A 62 14.01 -8.86 -16.96
CA PRO A 62 14.82 -8.50 -18.12
C PRO A 62 16.31 -8.40 -17.81
N ASN A 63 16.67 -8.20 -16.54
CA ASN A 63 18.03 -7.88 -16.21
C ASN A 63 18.68 -9.00 -15.37
N LYS A 64 19.57 -9.81 -15.94
CA LYS A 64 20.06 -10.95 -15.16
C LYS A 64 21.13 -10.58 -14.15
N ASN A 65 21.74 -9.42 -14.35
CA ASN A 65 22.63 -8.82 -13.37
C ASN A 65 22.03 -8.42 -12.02
N ILE A 66 20.72 -8.26 -11.88
CA ILE A 66 20.21 -7.85 -10.55
C ILE A 66 20.35 -8.91 -9.43
N MET A 67 20.88 -10.08 -9.75
CA MET A 67 20.93 -11.17 -8.79
C MET A 67 22.11 -12.02 -9.17
N SER A 68 22.83 -12.48 -8.16
CA SER A 68 23.93 -13.40 -8.35
C SER A 68 23.48 -14.70 -9.02
N ASP A 69 24.36 -15.26 -9.84
CA ASP A 69 24.10 -16.53 -10.54
C ASP A 69 23.75 -17.66 -9.59
N ASP A 70 24.35 -17.63 -8.39
CA ASP A 70 24.02 -18.56 -7.32
C ASP A 70 22.62 -18.39 -6.78
N LEU A 71 22.17 -17.14 -6.71
CA LEU A 71 20.79 -16.88 -6.36
C LEU A 71 19.84 -17.33 -7.51
N TRP A 72 20.24 -17.08 -8.77
CA TRP A 72 19.47 -17.57 -9.89
C TRP A 72 19.26 -19.07 -9.76
N LYS A 73 20.33 -19.75 -9.34
CA LYS A 73 20.32 -21.20 -9.26
C LYS A 73 19.26 -21.67 -8.28
N LYS A 74 19.14 -20.97 -7.15
CA LYS A 74 18.14 -21.30 -6.14
C LYS A 74 16.73 -21.13 -6.69
N VAL A 75 16.54 -20.14 -7.57
CA VAL A 75 15.22 -19.89 -8.17
C VAL A 75 14.84 -21.10 -9.06
N GLU A 76 15.75 -21.46 -9.96
CA GLU A 76 15.54 -22.59 -10.84
C GLU A 76 15.43 -23.92 -10.13
N ASP A 77 16.29 -24.10 -9.15
CA ASP A 77 16.24 -25.27 -8.28
C ASP A 77 14.89 -25.46 -7.65
N ALA A 78 14.24 -24.36 -7.26
CA ALA A 78 12.85 -24.39 -6.77
C ALA A 78 11.81 -24.84 -7.81
N GLY A 79 12.17 -24.86 -9.10
CA GLY A 79 11.22 -25.25 -10.13
C GLY A 79 10.65 -24.09 -10.92
N VAL A 80 11.05 -22.87 -10.59
CA VAL A 80 10.62 -21.67 -11.34
C VAL A 80 11.27 -21.62 -12.74
N LYS A 81 10.46 -21.43 -13.77
CA LYS A 81 10.96 -21.08 -15.11
C LYS A 81 11.26 -19.57 -15.24
N VAL A 82 12.49 -19.23 -15.58
CA VAL A 82 12.91 -17.85 -15.65
C VAL A 82 12.92 -17.37 -17.10
N VAL A 83 12.13 -16.33 -17.41
CA VAL A 83 12.13 -15.76 -18.76
C VAL A 83 12.53 -14.30 -18.71
N SER A 84 13.03 -13.78 -19.82
CA SER A 84 13.38 -12.38 -19.86
C SER A 84 12.35 -11.63 -20.69
N ASP A 85 11.33 -12.35 -21.14
CA ASP A 85 10.26 -11.77 -21.97
C ASP A 85 8.89 -11.70 -21.29
N ASP A 86 8.44 -10.47 -20.99
CA ASP A 86 7.17 -10.24 -20.28
C ASP A 86 5.96 -10.87 -20.97
N VAL A 87 5.94 -10.81 -22.29
CA VAL A 87 4.88 -11.40 -23.11
C VAL A 87 4.75 -12.91 -22.95
N GLU A 88 5.88 -13.55 -22.73
CA GLU A 88 5.95 -14.98 -22.49
C GLU A 88 5.35 -15.37 -21.13
N ALA A 89 5.69 -14.61 -20.09
CA ALA A 89 5.02 -14.74 -18.80
C ALA A 89 3.52 -14.34 -18.89
N ALA A 90 3.23 -13.29 -19.68
CA ALA A 90 1.83 -12.87 -19.89
C ALA A 90 0.98 -14.03 -20.40
N LYS A 91 1.47 -14.80 -21.38
CA LYS A 91 0.70 -15.92 -21.92
C LYS A 91 0.50 -17.08 -20.93
N HIS A 92 1.43 -17.23 -19.99
CA HIS A 92 1.43 -18.36 -19.07
C HIS A 92 0.35 -18.29 -18.00
N GLY A 93 0.28 -17.15 -17.31
CA GLY A 93 -0.33 -17.12 -15.99
C GLY A 93 -1.81 -16.90 -15.93
N GLU A 94 -2.46 -17.53 -14.97
CA GLU A 94 -3.83 -17.12 -14.64
C GLU A 94 -3.82 -16.05 -13.56
N ILE A 95 -2.70 -15.90 -12.86
CA ILE A 95 -2.53 -14.82 -11.89
C ILE A 95 -1.15 -14.16 -12.10
N HIS A 96 -1.09 -12.81 -12.11
CA HIS A 96 0.10 -12.07 -12.54
C HIS A 96 0.45 -11.10 -11.45
N VAL A 97 1.65 -11.25 -10.89
CA VAL A 97 2.07 -10.52 -9.74
C VAL A 97 3.20 -9.59 -10.17
N LEU A 98 2.97 -8.28 -10.00
CA LEU A 98 3.90 -7.25 -10.46
C LEU A 98 4.78 -6.81 -9.32
N PHE A 99 5.97 -7.42 -9.25
CA PHE A 99 7.00 -7.03 -8.30
C PHE A 99 7.97 -6.09 -9.01
N THR A 100 7.42 -5.00 -9.53
CA THR A 100 8.06 -4.19 -10.57
C THR A 100 8.40 -2.77 -10.04
N PRO A 101 9.31 -2.03 -10.72
CA PRO A 101 9.78 -0.78 -10.09
C PRO A 101 8.70 0.27 -9.81
N PHE A 102 8.98 1.14 -8.85
CA PHE A 102 8.18 2.33 -8.68
C PHE A 102 8.14 3.09 -10.00
N GLY A 103 7.02 3.71 -10.29
CA GLY A 103 6.86 4.56 -11.48
C GLY A 103 6.42 3.94 -12.80
N LYS A 104 6.89 4.55 -13.88
CA LYS A 104 6.46 4.21 -15.23
C LYS A 104 6.54 2.71 -15.50
N ALA A 105 7.63 2.08 -15.05
CA ALA A 105 7.89 0.68 -15.38
C ALA A 105 6.70 -0.25 -15.06
N THR A 106 6.05 -0.03 -13.92
CA THR A 106 4.95 -0.93 -13.54
C THR A 106 3.82 -0.85 -14.52
N PHE A 107 3.49 0.39 -14.90
CA PHE A 107 2.41 0.68 -15.82
C PHE A 107 2.71 0.22 -17.24
N ARG A 108 3.95 0.40 -17.68
CA ARG A 108 4.40 -0.13 -18.98
C ARG A 108 4.24 -1.66 -19.04
N ILE A 109 4.64 -2.36 -18.00
CA ILE A 109 4.53 -3.83 -17.98
C ILE A 109 3.07 -4.29 -17.98
N ALA A 110 2.24 -3.63 -17.15
CA ALA A 110 0.85 -4.00 -17.04
C ALA A 110 0.20 -3.84 -18.41
N LYS A 111 0.53 -2.73 -19.06
CA LYS A 111 -0.02 -2.42 -20.39
C LYS A 111 0.45 -3.41 -21.43
N THR A 112 1.70 -3.87 -21.29
CA THR A 112 2.27 -4.87 -22.17
C THR A 112 1.56 -6.22 -21.99
N ILE A 113 1.27 -6.63 -20.77
CA ILE A 113 0.78 -7.98 -20.59
C ILE A 113 -0.70 -8.12 -20.80
N ILE A 114 -1.42 -7.01 -20.55
CA ILE A 114 -2.91 -6.99 -20.57
C ILE A 114 -3.46 -7.60 -21.86
N GLU A 115 -2.78 -7.28 -22.96
CA GLU A 115 -3.14 -7.78 -24.30
C GLU A 115 -3.07 -9.30 -24.44
N HIS A 116 -2.21 -9.94 -23.66
CA HIS A 116 -1.84 -11.30 -23.90
C HIS A 116 -2.24 -12.26 -22.81
N VAL A 117 -2.63 -11.78 -21.64
CA VAL A 117 -2.92 -12.72 -20.56
C VAL A 117 -4.13 -13.58 -20.94
N PRO A 118 -4.24 -14.83 -20.46
CA PRO A 118 -5.41 -15.61 -20.93
C PRO A 118 -6.74 -15.14 -20.32
N GLU A 119 -7.83 -15.70 -20.84
CA GLU A 119 -9.18 -15.35 -20.41
C GLU A 119 -9.30 -15.41 -18.90
N ASN A 120 -9.92 -14.39 -18.31
CA ASN A 120 -10.17 -14.30 -16.86
C ASN A 120 -8.92 -14.18 -15.98
N ALA A 121 -7.73 -14.03 -16.55
CA ALA A 121 -6.54 -13.72 -15.74
C ALA A 121 -6.81 -12.59 -14.72
N VAL A 122 -6.09 -12.61 -13.59
CA VAL A 122 -6.12 -11.50 -12.65
C VAL A 122 -4.73 -10.93 -12.53
N ILE A 123 -4.64 -9.59 -12.60
CA ILE A 123 -3.38 -8.87 -12.46
C ILE A 123 -3.29 -8.21 -11.05
N CYS A 124 -2.16 -8.43 -10.34
CA CYS A 124 -1.99 -8.04 -8.93
C CYS A 124 -0.77 -7.14 -8.73
N ASN A 125 -0.98 -6.05 -8.00
CA ASN A 125 0.14 -5.18 -7.58
C ASN A 125 0.82 -5.70 -6.30
N THR A 126 2.01 -5.20 -6.05
CA THR A 126 2.60 -5.37 -4.73
C THR A 126 2.80 -3.95 -4.23
N CYS A 127 3.86 -3.68 -3.51
CA CYS A 127 3.96 -2.39 -2.87
C CYS A 127 4.23 -1.14 -3.74
N THR A 128 4.59 -1.29 -5.01
CA THR A 128 5.05 -0.10 -5.78
C THR A 128 3.91 0.68 -6.43
N VAL A 129 2.71 0.11 -6.35
CA VAL A 129 1.57 0.72 -6.97
C VAL A 129 0.28 0.43 -6.17
N SER A 130 -0.66 1.38 -6.24
CA SER A 130 -2.01 1.20 -5.75
C SER A 130 -2.86 0.45 -6.79
N PRO A 131 -3.68 -0.54 -6.36
CA PRO A 131 -4.51 -1.23 -7.36
C PRO A 131 -5.58 -0.29 -7.96
N VAL A 132 -6.00 0.72 -7.21
CA VAL A 132 -6.92 1.73 -7.77
C VAL A 132 -6.25 2.48 -8.95
N VAL A 133 -4.97 2.81 -8.80
CA VAL A 133 -4.26 3.58 -9.85
C VAL A 133 -3.86 2.65 -10.99
N LEU A 134 -3.47 1.46 -10.66
CA LEU A 134 -3.26 0.48 -11.70
C LEU A 134 -4.57 0.28 -12.46
N TYR A 135 -5.70 0.21 -11.76
CA TYR A 135 -6.97 0.05 -12.50
C TYR A 135 -7.21 1.26 -13.45
N TYR A 136 -7.08 2.48 -12.93
CA TYR A 136 -7.21 3.62 -13.82
C TYR A 136 -6.32 3.57 -15.07
N SER A 137 -5.08 3.14 -14.91
CA SER A 137 -4.19 3.10 -16.08
C SER A 137 -4.59 2.05 -17.14
N LEU A 138 -5.33 1.02 -16.74
CA LEU A 138 -5.72 -0.03 -17.67
C LEU A 138 -7.17 0.14 -18.06
N GLU A 139 -7.86 1.07 -17.43
CA GLU A 139 -9.31 1.16 -17.56
C GLU A 139 -9.85 1.25 -19.01
N PRO A 140 -9.19 2.02 -19.89
CA PRO A 140 -9.69 2.04 -21.28
C PRO A 140 -9.70 0.63 -21.90
N ILE A 141 -8.72 -0.20 -21.54
CA ILE A 141 -8.61 -1.58 -22.07
C ILE A 141 -9.58 -2.53 -21.37
N LEU A 142 -9.64 -2.42 -20.04
CA LEU A 142 -10.46 -3.28 -19.21
C LEU A 142 -11.89 -3.05 -19.58
N ARG A 143 -12.15 -1.85 -20.05
CA ARG A 143 -13.50 -1.57 -20.33
C ARG A 143 -13.97 -1.94 -21.70
N THR A 144 -13.06 -2.18 -22.64
CA THR A 144 -13.44 -2.41 -24.02
C THR A 144 -13.03 -3.85 -24.41
N LYS A 145 -11.74 -4.04 -24.67
CA LYS A 145 -11.20 -5.31 -25.10
C LYS A 145 -11.09 -6.38 -24.03
N ARG A 146 -10.85 -6.02 -22.76
CA ARG A 146 -10.52 -7.05 -21.74
C ARG A 146 -11.43 -6.96 -20.52
N LYS A 147 -12.72 -7.07 -20.78
CA LYS A 147 -13.71 -7.01 -19.68
C LYS A 147 -13.59 -8.19 -18.73
N ASP A 148 -12.81 -9.21 -19.09
CA ASP A 148 -12.67 -10.41 -18.28
C ASP A 148 -11.54 -10.30 -17.24
N VAL A 149 -10.61 -9.41 -17.51
CA VAL A 149 -9.42 -9.34 -16.69
C VAL A 149 -9.69 -8.64 -15.34
N GLY A 150 -9.20 -9.23 -14.25
CA GLY A 150 -9.33 -8.66 -12.92
C GLY A 150 -8.07 -7.89 -12.46
N ILE A 151 -8.29 -6.87 -11.64
CA ILE A 151 -7.22 -6.21 -10.85
C ILE A 151 -7.38 -6.52 -9.39
N SER A 152 -6.32 -7.00 -8.78
CA SER A 152 -6.34 -7.24 -7.33
C SER A 152 -4.96 -6.88 -6.75
N SER A 153 -4.63 -7.39 -5.56
CA SER A 153 -3.26 -7.25 -5.07
C SER A 153 -2.75 -8.55 -4.47
N MET A 154 -1.43 -8.69 -4.46
CA MET A 154 -0.79 -9.79 -3.78
C MET A 154 0.32 -9.11 -3.00
N HIS A 155 -0.09 -8.32 -2.02
CA HIS A 155 0.84 -7.43 -1.39
C HIS A 155 1.44 -8.13 -0.12
N PRO A 156 2.78 -8.36 -0.11
CA PRO A 156 3.38 -9.11 1.02
C PRO A 156 3.37 -8.33 2.33
N ALA A 157 3.34 -6.99 2.24
CA ALA A 157 3.25 -6.12 3.44
C ALA A 157 4.39 -6.47 4.41
N ALA A 158 5.56 -6.71 3.82
CA ALA A 158 6.78 -7.26 4.44
C ALA A 158 7.73 -7.52 3.24
N VAL A 159 9.03 -7.73 3.45
CA VAL A 159 9.91 -8.16 2.36
C VAL A 159 9.88 -9.71 2.33
N PRO A 160 9.35 -10.30 1.24
CA PRO A 160 9.40 -11.78 1.13
C PRO A 160 10.84 -12.31 1.32
N GLY A 161 10.96 -13.37 2.11
CA GLY A 161 12.27 -13.89 2.49
C GLY A 161 12.72 -13.43 3.86
N THR A 162 12.00 -12.51 4.49
CA THR A 162 12.29 -12.17 5.85
C THR A 162 11.25 -12.87 6.67
N PRO A 163 11.56 -13.08 7.98
CA PRO A 163 10.65 -13.74 8.91
C PRO A 163 9.35 -12.95 9.19
N GLN A 164 9.39 -11.62 9.08
CA GLN A 164 8.15 -10.81 9.14
C GLN A 164 7.13 -11.15 8.04
N HIS A 165 7.57 -11.80 6.95
CA HIS A 165 6.65 -12.10 5.88
C HIS A 165 5.77 -13.33 6.12
N GLY A 166 4.68 -13.17 6.87
CA GLY A 166 3.81 -14.33 7.09
C GLY A 166 2.43 -14.23 6.54
N HIS A 167 2.22 -13.36 5.55
CA HIS A 167 0.87 -12.93 5.17
C HIS A 167 0.86 -12.20 3.82
N TYR A 168 -0.32 -12.10 3.25
CA TYR A 168 -0.58 -11.35 2.00
C TYR A 168 -1.85 -10.52 2.11
N VAL A 169 -1.79 -9.34 1.54
CA VAL A 169 -2.93 -8.47 1.51
C VAL A 169 -3.41 -8.52 0.10
N ILE A 170 -4.66 -8.92 -0.03
CA ILE A 170 -5.37 -9.12 -1.28
C ILE A 170 -6.52 -8.09 -1.38
N GLY A 171 -6.53 -7.30 -2.45
CA GLY A 171 -7.57 -6.24 -2.65
C GLY A 171 -8.88 -6.80 -3.19
N GLY A 172 -9.97 -6.61 -2.44
CA GLY A 172 -11.34 -7.00 -2.84
C GLY A 172 -12.13 -5.71 -3.09
N LYS A 173 -13.46 -5.83 -3.04
CA LYS A 173 -14.40 -4.73 -3.39
C LYS A 173 -14.01 -3.40 -2.68
N THR A 174 -14.05 -2.26 -3.36
CA THR A 174 -13.53 -1.01 -2.75
C THR A 174 -14.57 -0.52 -1.75
N THR A 175 -14.17 0.35 -0.80
CA THR A 175 -15.09 0.96 0.19
C THR A 175 -16.21 1.77 -0.49
N ASP A 176 -16.01 2.08 -1.75
CA ASP A 176 -17.08 2.59 -2.59
C ASP A 176 -17.95 1.53 -3.28
N GLY A 177 -17.75 0.24 -3.06
CA GLY A 177 -18.50 -0.82 -3.77
C GLY A 177 -18.10 -1.23 -5.20
N LYS A 178 -17.04 -0.67 -5.73
CA LYS A 178 -16.61 -1.02 -7.03
C LYS A 178 -15.87 -2.39 -6.98
N GLU A 179 -16.20 -3.33 -7.86
CA GLU A 179 -15.46 -4.60 -7.91
C GLU A 179 -14.50 -4.50 -9.04
N LEU A 180 -13.22 -4.66 -8.73
CA LEU A 180 -12.14 -4.57 -9.72
C LEU A 180 -11.81 -5.94 -10.26
N ALA A 181 -12.28 -6.96 -9.56
CA ALA A 181 -12.04 -8.34 -9.91
C ALA A 181 -13.26 -9.09 -9.43
N THR A 182 -13.48 -10.29 -9.98
CA THR A 182 -14.63 -11.14 -9.63
C THR A 182 -14.35 -11.87 -8.33
N GLU A 183 -15.37 -12.43 -7.70
CA GLU A 183 -15.13 -13.32 -6.57
C GLU A 183 -14.24 -14.50 -6.88
N GLU A 184 -14.45 -15.18 -8.01
CA GLU A 184 -13.57 -16.26 -8.48
C GLU A 184 -12.12 -15.83 -8.46
N GLN A 185 -11.84 -14.70 -9.12
CA GLN A 185 -10.49 -14.17 -9.19
C GLN A 185 -9.92 -13.92 -7.80
N ILE A 186 -10.69 -13.30 -6.91
CA ILE A 186 -10.23 -13.02 -5.55
C ILE A 186 -9.95 -14.32 -4.78
N LYS A 187 -10.88 -15.30 -4.89
CA LYS A 187 -10.64 -16.64 -4.34
C LYS A 187 -9.38 -17.33 -4.82
N LYS A 188 -9.04 -17.20 -6.11
CA LYS A 188 -7.75 -17.69 -6.60
C LYS A 188 -6.56 -17.08 -5.88
N ALA A 189 -6.57 -15.76 -5.71
CA ALA A 189 -5.47 -15.04 -5.07
C ALA A 189 -5.34 -15.47 -3.59
N VAL A 190 -6.47 -15.64 -2.93
CA VAL A 190 -6.50 -16.11 -1.55
C VAL A 190 -5.83 -17.48 -1.44
N GLU A 191 -6.23 -18.39 -2.32
CA GLU A 191 -5.73 -19.77 -2.33
C GLU A 191 -4.24 -19.86 -2.67
N LEU A 192 -3.80 -19.00 -3.56
CA LEU A 192 -2.41 -18.78 -3.77
C LEU A 192 -1.61 -18.41 -2.49
N ALA A 193 -2.04 -17.35 -1.76
CA ALA A 193 -1.39 -16.91 -0.51
C ALA A 193 -1.33 -18.03 0.52
N LYS A 194 -2.47 -18.69 0.74
CA LYS A 194 -2.60 -19.83 1.69
C LYS A 194 -1.68 -21.00 1.38
N SER A 195 -1.72 -21.50 0.13
CA SER A 195 -0.83 -22.59 -0.32
C SER A 195 0.65 -22.30 0.00
N ALA A 196 1.07 -21.03 0.00
CA ALA A 196 2.45 -20.67 0.35
C ALA A 196 2.67 -20.60 1.87
N GLY A 197 1.68 -21.04 2.63
CA GLY A 197 1.68 -20.91 4.08
C GLY A 197 1.52 -19.51 4.66
N LYS A 198 0.98 -18.55 3.90
CA LYS A 198 0.76 -17.19 4.42
C LYS A 198 -0.68 -17.00 4.87
N GLU A 199 -0.89 -16.16 5.87
CA GLU A 199 -2.24 -15.69 6.22
C GLU A 199 -2.75 -14.80 5.08
N ALA A 200 -3.96 -15.04 4.58
CA ALA A 200 -4.59 -14.24 3.52
C ALA A 200 -5.55 -13.19 4.09
N TYR A 201 -5.27 -11.91 3.86
CA TYR A 201 -6.21 -10.88 4.24
C TYR A 201 -6.81 -10.21 3.00
N VAL A 202 -8.12 -10.41 2.79
CA VAL A 202 -8.90 -9.64 1.82
C VAL A 202 -9.36 -8.33 2.45
N VAL A 203 -8.93 -7.22 1.83
CA VAL A 203 -9.13 -5.89 2.32
C VAL A 203 -9.71 -5.04 1.14
N PRO A 204 -10.59 -4.06 1.41
CA PRO A 204 -11.00 -3.22 0.27
C PRO A 204 -9.80 -2.66 -0.51
N ALA A 205 -9.85 -2.77 -1.84
CA ALA A 205 -8.65 -2.55 -2.66
C ALA A 205 -8.10 -1.10 -2.46
N ASP A 206 -8.98 -0.13 -2.29
CA ASP A 206 -8.55 1.28 -2.10
C ASP A 206 -7.70 1.44 -0.83
N VAL A 207 -8.11 0.75 0.26
CA VAL A 207 -7.38 0.78 1.52
C VAL A 207 -6.22 -0.21 1.68
N SER A 208 -6.09 -1.19 0.78
CA SER A 208 -4.96 -2.12 0.87
C SER A 208 -3.63 -1.37 1.08
N SER A 209 -3.32 -0.36 0.27
CA SER A 209 -2.06 0.40 0.46
C SER A 209 -1.86 0.93 1.89
N VAL A 210 -2.93 1.46 2.47
CA VAL A 210 -2.95 2.06 3.81
C VAL A 210 -2.62 0.99 4.87
N VAL A 211 -3.02 -0.26 4.65
CA VAL A 211 -2.71 -1.27 5.64
C VAL A 211 -1.44 -2.07 5.31
N ALA A 212 -0.96 -1.99 4.07
CA ALA A 212 0.20 -2.80 3.66
C ALA A 212 1.53 -2.10 3.30
N ASP A 213 1.51 -0.86 2.81
CA ASP A 213 2.75 -0.16 2.44
C ASP A 213 3.55 0.25 3.66
N MET A 214 4.75 0.77 3.46
CA MET A 214 5.56 1.40 4.53
C MET A 214 4.79 2.46 5.37
N GLY A 215 3.85 3.13 4.74
CA GLY A 215 2.96 4.09 5.46
C GLY A 215 2.10 3.50 6.58
N SER A 216 1.93 2.18 6.61
CA SER A 216 1.25 1.44 7.68
C SER A 216 1.81 1.66 9.11
N LEU A 217 3.07 2.12 9.21
CA LEU A 217 3.61 2.69 10.40
C LEU A 217 2.74 3.85 10.86
N VAL A 218 2.37 4.76 9.97
CA VAL A 218 1.60 5.90 10.41
C VAL A 218 0.20 5.48 10.78
N THR A 219 -0.36 4.57 9.98
CA THR A 219 -1.69 4.05 10.25
C THR A 219 -1.79 3.48 11.64
N ALA A 220 -0.85 2.60 12.00
CA ALA A 220 -0.89 1.87 13.26
C ALA A 220 -0.71 2.81 14.46
N VAL A 221 0.23 3.77 14.36
CA VAL A 221 0.43 4.79 15.43
C VAL A 221 -0.80 5.68 15.57
N ALA A 222 -1.31 6.22 14.46
CA ALA A 222 -2.47 7.06 14.50
C ALA A 222 -3.66 6.32 15.05
N LEU A 223 -3.87 5.06 14.64
CA LEU A 223 -4.98 4.25 15.16
C LEU A 223 -4.91 4.05 16.68
N SER A 224 -3.69 3.83 17.15
CA SER A 224 -3.50 3.68 18.60
C SER A 224 -3.87 4.98 19.33
N GLY A 225 -3.51 6.15 18.78
CA GLY A 225 -3.96 7.43 19.39
C GLY A 225 -5.48 7.59 19.37
N VAL A 226 -6.13 7.20 18.28
CA VAL A 226 -7.60 7.24 18.14
C VAL A 226 -8.24 6.38 19.23
N LEU A 227 -7.75 5.16 19.42
CA LEU A 227 -8.36 4.23 20.39
C LEU A 227 -8.13 4.66 21.81
N ASP A 228 -6.94 5.21 22.07
CA ASP A 228 -6.65 5.85 23.36
C ASP A 228 -7.67 6.99 23.62
N TYR A 229 -7.80 7.91 22.67
CA TYR A 229 -8.76 9.00 22.78
C TYR A 229 -10.21 8.51 22.91
N TYR A 230 -10.56 7.48 22.19
CA TYR A 230 -11.87 6.89 22.34
C TYR A 230 -12.13 6.40 23.80
N THR A 231 -11.11 5.84 24.44
CA THR A 231 -11.25 5.32 25.82
C THR A 231 -11.39 6.44 26.84
N VAL A 232 -10.50 7.42 26.79
CA VAL A 232 -10.63 8.61 27.63
C VAL A 232 -12.01 9.23 27.44
N GLY A 233 -12.46 9.36 26.19
CA GLY A 233 -13.69 10.03 25.89
C GLY A 233 -14.90 9.27 26.39
N ARG A 234 -14.87 7.95 26.30
CA ARG A 234 -15.97 7.13 26.81
C ARG A 234 -15.95 6.89 28.31
N LYS A 235 -14.77 6.61 28.83
CA LYS A 235 -14.66 6.11 30.18
C LYS A 235 -14.39 7.24 31.16
N ILE A 236 -13.73 8.31 30.72
CA ILE A 236 -13.39 9.37 31.65
C ILE A 236 -14.17 10.66 31.47
N ILE A 237 -14.34 11.12 30.24
CA ILE A 237 -14.94 12.43 29.99
C ILE A 237 -16.45 12.23 29.80
N ASN A 238 -16.82 11.02 29.40
CA ASN A 238 -18.19 10.69 29.10
C ASN A 238 -18.72 11.51 27.93
N ALA A 239 -17.86 11.79 26.93
CA ALA A 239 -18.26 12.52 25.70
C ALA A 239 -19.11 11.59 24.87
N PRO A 240 -20.22 12.08 24.29
CA PRO A 240 -21.00 11.27 23.36
C PRO A 240 -20.15 10.77 22.19
N LYS A 241 -20.47 9.55 21.77
CA LYS A 241 -19.87 8.91 20.60
C LYS A 241 -19.66 9.88 19.40
N LYS A 242 -20.69 10.61 18.99
CA LYS A 242 -20.56 11.51 17.83
C LYS A 242 -19.56 12.63 18.01
N MET A 243 -19.37 13.08 19.24
CA MET A 243 -18.38 14.11 19.55
C MET A 243 -16.93 13.60 19.44
N ILE A 244 -16.75 12.34 19.85
CA ILE A 244 -15.46 11.71 19.81
C ILE A 244 -15.10 11.53 18.32
N GLU A 245 -16.01 10.98 17.56
CA GLU A 245 -15.84 10.90 16.11
C GLU A 245 -15.59 12.28 15.47
N GLN A 246 -16.33 13.29 15.84
CA GLN A 246 -16.05 14.56 15.16
C GLN A 246 -14.64 15.10 15.39
N GLN A 247 -14.12 14.91 16.59
CA GLN A 247 -12.76 15.28 16.97
C GLN A 247 -11.75 14.42 16.23
N VAL A 248 -12.04 13.09 16.11
CA VAL A 248 -11.17 12.21 15.37
C VAL A 248 -10.99 12.66 13.87
N ILE A 249 -12.12 12.86 13.19
CA ILE A 249 -12.16 13.36 11.80
C ILE A 249 -11.42 14.72 11.67
N MET A 250 -11.74 15.64 12.57
CA MET A 250 -11.24 17.02 12.48
C MET A 250 -9.70 17.03 12.51
N THR A 251 -9.07 16.29 13.45
CA THR A 251 -7.63 16.26 13.63
C THR A 251 -6.88 15.55 12.50
N LEU A 252 -7.34 14.36 12.12
CA LEU A 252 -6.69 13.61 11.06
C LEU A 252 -6.82 14.21 9.68
N GLN A 253 -8.03 14.69 9.34
CA GLN A 253 -8.31 15.38 8.09
C GLN A 253 -7.45 16.67 8.01
N THR A 254 -7.35 17.44 9.10
CA THR A 254 -6.52 18.66 9.09
C THR A 254 -5.05 18.32 8.87
N MET A 255 -4.59 17.25 9.49
CA MET A 255 -3.18 16.92 9.39
C MET A 255 -2.89 16.47 7.95
N ALA A 256 -3.77 15.65 7.39
CA ALA A 256 -3.61 15.17 6.01
C ALA A 256 -3.53 16.35 5.01
N SER A 257 -4.48 17.26 5.11
CA SER A 257 -4.63 18.39 4.17
C SER A 257 -3.51 19.41 4.34
N LEU A 258 -3.02 19.59 5.56
CA LEU A 258 -1.82 20.45 5.79
C LEU A 258 -0.55 19.80 5.10
N VAL A 259 -0.47 18.46 5.10
CA VAL A 259 0.70 17.85 4.48
C VAL A 259 0.47 17.96 2.99
N GLU A 260 -0.76 17.74 2.53
CA GLU A 260 -1.08 17.86 1.13
C GLU A 260 -0.71 19.26 0.51
N THR A 261 -0.96 20.35 1.20
CA THR A 261 -0.63 21.65 0.59
C THR A 261 0.79 22.12 0.93
N SER A 262 1.32 21.71 2.07
CA SER A 262 2.51 22.38 2.67
C SER A 262 3.67 21.44 3.04
N GLY A 263 3.41 20.14 2.95
CA GLY A 263 4.45 19.18 3.27
C GLY A 263 4.52 18.91 4.75
N ILE A 264 5.31 17.92 5.12
CA ILE A 264 5.50 17.59 6.50
C ILE A 264 5.98 18.83 7.30
N GLU A 265 6.97 19.59 6.78
CA GLU A 265 7.53 20.78 7.49
C GLU A 265 6.50 21.86 7.71
N GLY A 266 5.69 22.13 6.70
CA GLY A 266 4.63 23.12 6.78
C GLY A 266 3.52 22.70 7.75
N MET A 267 3.14 21.42 7.75
CA MET A 267 2.12 20.92 8.68
C MET A 267 2.63 21.02 10.15
N VAL A 268 3.91 20.76 10.35
CA VAL A 268 4.46 20.89 11.67
C VAL A 268 4.51 22.35 12.10
N LYS A 269 4.81 23.27 11.17
CA LYS A 269 4.76 24.72 11.45
C LYS A 269 3.34 25.15 11.86
N ALA A 270 2.32 24.60 11.20
CA ALA A 270 0.94 24.92 11.56
C ALA A 270 0.50 24.31 12.90
N LEU A 271 0.94 23.11 13.21
CA LEU A 271 0.43 22.45 14.42
C LEU A 271 1.14 22.85 15.73
N ASN A 272 2.40 23.25 15.61
CA ASN A 272 3.24 23.63 16.75
C ASN A 272 3.41 22.52 17.82
N PRO A 273 4.51 21.73 17.72
CA PRO A 273 4.69 20.63 18.67
C PRO A 273 4.87 21.11 20.12
N GLU A 274 5.45 22.30 20.29
CA GLU A 274 5.57 22.88 21.60
C GLU A 274 4.19 22.99 22.23
N LEU A 275 3.25 23.57 21.49
CA LEU A 275 1.92 23.69 21.96
C LEU A 275 1.29 22.37 22.16
N LEU A 276 1.50 21.43 21.27
CA LEU A 276 0.90 20.12 21.37
C LEU A 276 1.24 19.37 22.67
N ILE A 277 2.49 19.45 23.08
CA ILE A 277 2.93 18.94 24.40
C ILE A 277 2.04 19.50 25.54
N ARG A 278 1.87 20.82 25.59
CA ARG A 278 1.02 21.43 26.62
C ARG A 278 -0.41 20.88 26.59
N SER A 279 -1.12 21.00 25.47
CA SER A 279 -2.52 20.54 25.33
C SER A 279 -2.71 19.07 25.66
N ALA A 280 -1.92 18.22 25.02
CA ALA A 280 -2.08 16.78 25.15
C ALA A 280 -1.73 16.33 26.55
N SER A 281 -0.85 17.05 27.25
CA SER A 281 -0.67 16.81 28.71
C SER A 281 -1.99 16.72 29.49
N SER A 282 -2.97 17.57 29.19
CA SER A 282 -4.23 17.54 29.92
C SER A 282 -5.05 16.29 29.64
N MET A 283 -4.56 15.44 28.74
CA MET A 283 -5.31 14.28 28.34
C MET A 283 -4.80 12.98 28.95
N LYS A 284 -3.82 13.10 29.84
CA LYS A 284 -3.34 11.94 30.62
C LYS A 284 -4.37 11.61 31.70
N LEU A 285 -5.35 10.80 31.37
CA LEU A 285 -6.47 10.59 32.28
C LEU A 285 -6.62 9.14 32.71
N LEU A 286 -6.17 8.21 31.88
CA LEU A 286 -6.12 6.80 32.25
C LEU A 286 -4.78 6.62 32.92
N ASP A 287 -4.54 5.48 33.56
CA ASP A 287 -3.29 5.38 34.31
C ASP A 287 -2.07 4.79 33.56
N ARG A 288 -2.30 4.25 32.36
CA ARG A 288 -1.17 4.01 31.46
C ARG A 288 -1.52 4.30 30.01
N GLN A 289 -0.88 5.33 29.46
CA GLN A 289 -1.08 5.69 28.08
C GLN A 289 0.27 5.75 27.42
N LYS A 290 0.75 4.58 27.03
CA LYS A 290 2.08 4.44 26.47
C LYS A 290 2.26 5.21 25.18
N ASP A 291 1.19 5.25 24.38
CA ASP A 291 1.17 6.06 23.16
C ASP A 291 1.35 7.55 23.42
N LEU A 292 0.63 8.08 24.41
CA LEU A 292 0.76 9.50 24.72
C LEU A 292 2.16 9.83 25.23
N ASP A 293 2.63 8.99 26.15
CA ASP A 293 3.97 9.11 26.72
C ASP A 293 5.06 9.07 25.64
N ALA A 294 4.98 8.11 24.74
CA ALA A 294 5.89 8.05 23.58
C ALA A 294 5.84 9.35 22.80
N ALA A 295 4.62 9.86 22.56
CA ALA A 295 4.42 10.98 21.67
C ALA A 295 5.05 12.24 22.26
N LEU A 296 4.87 12.41 23.56
CA LEU A 296 5.28 13.63 24.21
C LEU A 296 6.76 13.71 24.27
N GLU A 297 7.34 12.56 24.55
CA GLU A 297 8.76 12.35 24.44
C GLU A 297 9.31 12.71 23.05
N ILE A 298 8.71 12.14 22.00
CA ILE A 298 9.18 12.36 20.62
C ILE A 298 9.14 13.84 20.27
N LEU A 299 8.04 14.49 20.62
CA LEU A 299 7.83 15.91 20.30
C LEU A 299 8.76 16.84 21.07
N GLN A 300 9.18 16.41 22.25
CA GLN A 300 10.12 17.14 23.08
C GLN A 300 11.52 17.13 22.48
N ASN A 301 11.85 16.04 21.76
CA ASN A 301 13.20 15.84 21.24
C ASN A 301 13.29 15.89 19.73
N LEU A 302 12.71 16.93 19.13
CA LEU A 302 12.82 17.13 17.69
C LEU A 302 14.24 17.47 17.33
N ASP A 303 14.72 16.79 16.29
CA ASP A 303 15.98 17.11 15.64
C ASP A 303 16.11 18.63 15.45
N GLU A 304 17.29 19.15 15.77
CA GLU A 304 17.55 20.59 15.73
C GLU A 304 17.45 21.19 14.31
N THR A 305 17.77 20.38 13.31
CA THR A 305 17.77 20.80 11.92
C THR A 305 16.36 20.61 11.29
N LEU A 306 15.60 19.65 11.80
CA LEU A 306 14.18 19.56 11.50
C LEU A 306 13.50 20.81 12.03
N LYS A 307 13.83 21.20 13.27
CA LYS A 307 13.25 22.39 13.85
C LYS A 307 13.56 23.58 12.99
N ALA A 308 14.67 23.52 12.24
CA ALA A 308 15.12 24.70 11.50
C ALA A 308 14.40 24.82 10.17
N GLU A 309 14.14 23.69 9.51
CA GLU A 309 13.24 23.61 8.33
C GLU A 309 11.84 24.09 8.69
N VAL A 310 11.35 23.63 9.84
CA VAL A 310 9.99 23.93 10.27
C VAL A 310 9.83 25.44 10.45
N GLU A 311 10.78 26.05 11.14
CA GLU A 311 10.86 27.50 11.30
C GLU A 311 10.60 28.27 10.00
N LYS A 312 11.30 27.85 8.95
CA LYS A 312 11.32 28.59 7.71
C LYS A 312 10.22 28.15 6.73
N ALA A 313 9.52 27.04 7.02
CA ALA A 313 8.41 26.50 6.17
C ALA A 313 7.26 27.49 5.94
N GLU A 314 6.67 27.41 4.77
CA GLU A 314 5.52 28.19 4.39
C GLU A 314 4.26 27.31 4.66
N ILE A 315 3.23 27.92 5.23
CA ILE A 315 1.96 27.30 5.37
C ILE A 315 1.22 27.75 4.14
N LYS A 316 1.04 26.85 3.16
CA LYS A 316 0.41 27.25 1.89
C LYS A 316 -1.09 27.38 2.07
N PRO A 317 -1.79 28.08 1.14
CA PRO A 317 -3.26 28.14 1.22
C PRO A 317 -3.87 26.74 1.35
N THR A 318 -4.68 26.56 2.38
CA THR A 318 -5.32 25.29 2.68
C THR A 318 -6.77 25.62 3.01
N THR A 319 -7.70 24.87 2.44
CA THR A 319 -9.12 25.04 2.69
C THR A 319 -9.61 23.79 3.40
N LEU A 320 -9.77 23.92 4.71
CA LEU A 320 -9.98 22.75 5.52
C LEU A 320 -11.44 22.25 5.47
N VAL A 321 -11.69 21.07 4.87
CA VAL A 321 -13.06 20.57 4.65
C VAL A 321 -13.19 19.06 4.97
N ALA A 322 -14.39 18.57 5.34
CA ALA A 322 -14.60 17.11 5.51
C ALA A 322 -14.73 16.52 4.11
N ALA A 323 -13.72 15.76 3.67
CA ALA A 323 -13.67 15.28 2.27
C ALA A 323 -14.95 14.51 1.82
N GLN A 324 -15.54 13.68 2.69
CA GLN A 324 -16.71 12.89 2.19
C GLN A 324 -17.93 13.80 2.01
N SER A 325 -18.02 14.80 2.87
CA SER A 325 -19.08 15.77 2.69
C SER A 325 -18.90 16.54 1.35
N LEU A 326 -17.66 16.95 1.03
CA LEU A 326 -17.32 17.61 -0.22
C LEU A 326 -17.55 16.68 -1.45
N VAL A 327 -17.34 15.38 -1.32
CA VAL A 327 -17.64 14.42 -2.41
C VAL A 327 -19.15 14.47 -2.66
N LYS A 328 -19.95 14.39 -1.60
CA LYS A 328 -21.39 14.53 -1.62
C LYS A 328 -21.85 15.83 -2.32
N GLU A 329 -21.30 16.99 -1.93
CA GLU A 329 -21.51 18.28 -2.60
C GLU A 329 -21.23 18.28 -4.12
N ILE A 330 -20.07 17.79 -4.56
CA ILE A 330 -19.76 17.76 -6.01
C ILE A 330 -20.74 16.86 -6.79
N LYS A 331 -21.20 15.77 -6.19
CA LYS A 331 -22.17 14.90 -6.90
C LYS A 331 -23.53 15.53 -7.09
N THR A 332 -24.00 16.23 -6.06
CA THR A 332 -25.33 16.81 -6.11
C THR A 332 -25.31 18.17 -6.80
N LEU A 333 -24.18 18.87 -6.80
CA LEU A 333 -24.11 20.18 -7.47
C LEU A 333 -23.78 20.07 -8.94
N ILE A 334 -22.70 19.38 -9.29
CA ILE A 334 -22.37 19.18 -10.71
C ILE A 334 -22.66 17.76 -11.25
N GLY A 335 -22.23 16.72 -10.56
CA GLY A 335 -22.60 15.39 -10.97
C GLY A 335 -22.05 14.96 -12.32
N GLY A 336 -22.58 13.83 -12.77
CA GLY A 336 -22.20 13.16 -14.01
C GLY A 336 -20.72 12.95 -14.27
N ALA A 337 -20.39 13.06 -15.55
CA ALA A 337 -19.04 12.91 -16.06
C ALA A 337 -18.05 13.93 -15.51
N ALA A 338 -18.46 15.16 -15.22
CA ALA A 338 -17.50 16.13 -14.68
C ALA A 338 -17.20 15.83 -13.19
N ALA A 339 -18.21 15.34 -12.45
CA ALA A 339 -18.01 14.94 -11.08
C ALA A 339 -17.10 13.71 -11.02
N GLU A 340 -17.35 12.72 -11.90
CA GLU A 340 -16.53 11.51 -11.96
C GLU A 340 -15.10 11.90 -12.32
N GLY A 341 -14.90 12.84 -13.23
CA GLY A 341 -13.57 13.22 -13.59
C GLY A 341 -12.85 13.83 -12.43
N ALA A 342 -13.53 14.71 -11.70
CA ALA A 342 -12.92 15.37 -10.52
C ALA A 342 -12.50 14.40 -9.40
N ILE A 343 -13.38 13.40 -9.19
CA ILE A 343 -13.22 12.36 -8.21
C ILE A 343 -12.08 11.42 -8.55
N LYS A 344 -12.04 10.90 -9.79
CA LYS A 344 -10.92 10.05 -10.26
C LYS A 344 -9.56 10.76 -10.15
N ARG A 345 -9.49 12.03 -10.57
CA ARG A 345 -8.27 12.83 -10.41
C ARG A 345 -7.92 12.95 -8.97
N SER A 346 -8.89 13.19 -8.08
CA SER A 346 -8.56 13.44 -6.65
C SER A 346 -8.20 12.12 -5.92
N ALA A 347 -8.79 10.99 -6.35
CA ALA A 347 -8.44 9.65 -5.82
C ALA A 347 -7.03 9.26 -6.31
N ARG A 348 -6.78 9.62 -7.56
CA ARG A 348 -5.46 9.43 -8.11
C ARG A 348 -4.43 10.26 -7.40
N LYS A 349 -4.74 11.53 -7.11
CA LYS A 349 -3.79 12.35 -6.34
C LYS A 349 -3.52 11.63 -4.97
N LEU A 350 -4.55 10.98 -4.42
CA LEU A 350 -4.36 10.39 -3.08
C LEU A 350 -3.49 9.11 -3.12
N PHE A 351 -3.78 8.22 -4.08
CA PHE A 351 -3.20 6.90 -4.12
C PHE A 351 -1.90 6.70 -4.92
N GLU A 352 -1.59 7.61 -5.82
CA GLU A 352 -0.51 7.41 -6.77
C GLU A 352 0.83 7.46 -6.06
N HIS A 353 1.62 6.39 -6.21
CA HIS A 353 2.80 6.22 -5.37
C HIS A 353 4.01 7.03 -5.82
N ALA A 354 4.17 7.25 -7.10
CA ALA A 354 5.42 7.82 -7.60
C ALA A 354 5.05 8.82 -8.66
N ASP A 355 5.77 9.94 -8.70
CA ASP A 355 5.78 10.90 -9.84
C ASP A 355 6.45 12.23 -9.47
#